data_4CQE
#
_entry.id   4CQE
#
_cell.length_a   52.605
_cell.length_b   105.943
_cell.length_c   109.889
_cell.angle_alpha   90.00
_cell.angle_beta   90.00
_cell.angle_gamma   90.00
#
_symmetry.space_group_name_H-M   'P 21 21 21'
#
loop_
_entity.id
_entity.type
_entity.pdbx_description
1 polymer 'SLC45A3-BRAF FUSION PROTEIN'
2 non-polymer N-{4-[2-(1-cyclopropylpiperidin-4-yl)-4-(3-{[(2,5-difluorophenyl)sulfonyl]amino}-2-fluorophenyl)-1,3-thiazol-5-yl]pyridin-2-yl}acetamide
3 water water
#
_entity_poly.entity_id   1
_entity_poly.type   'polypeptide(L)'
_entity_poly.pdbx_seq_one_letter_code
;GPDDWEIPDGQITVGQRIGSGSFGTVYKGKWHGDVAVKMLNVTAPTPQQLQAFKNEVGVLRKTRHVNILLFMGYSTKPQL
AIVTQWCEGSSLYHHLHASETKFEMKKLIDIARQTARGMDYLHAKSIIHRDLKSNNIFLHEDNTVKIGDFGLATEKSRWS
GSHQFEQLSGSILWMAPEVIRMQDSNPYSFQSDVYAFGIVLYELMTGQLPYSNINNRDQIIEMVGRGSLSPDLSKVRSNC
PKRMKRLMAECLKKKRDERPSFPRILAEIEELARELSG
;
_entity_poly.pdbx_strand_id   A,B
#
loop_
_chem_comp.id
_chem_comp.type
_chem_comp.name
_chem_comp.formula
CQE non-polymer N-{4-[2-(1-cyclopropylpiperidin-4-yl)-4-(3-{[(2,5-difluorophenyl)sulfonyl]amino}-2-fluorophenyl)-1,3-thiazol-5-yl]pyridin-2-yl}acetamide 'C30 H28 F3 N5 O3 S2'
#
# COMPACT_ATOMS: atom_id res chain seq x y z
N ASP A 4 -19.88 -5.22 1.94
CA ASP A 4 -18.89 -6.31 2.21
C ASP A 4 -17.82 -6.37 1.10
N TRP A 5 -16.81 -7.21 1.30
CA TRP A 5 -15.61 -7.27 0.45
C TRP A 5 -15.61 -8.40 -0.53
N GLU A 6 -16.76 -9.05 -0.71
CA GLU A 6 -16.88 -10.08 -1.72
C GLU A 6 -16.86 -9.49 -3.11
N ILE A 7 -16.11 -10.13 -4.01
CA ILE A 7 -16.10 -9.76 -5.42
C ILE A 7 -16.92 -10.75 -6.23
N PRO A 8 -18.00 -10.26 -6.89
CA PRO A 8 -18.89 -11.16 -7.68
C PRO A 8 -18.20 -11.85 -8.84
N ASP A 9 -18.82 -12.95 -9.27
CA ASP A 9 -18.30 -13.83 -10.30
C ASP A 9 -18.08 -13.07 -11.61
N GLY A 10 -16.94 -13.28 -12.23
CA GLY A 10 -16.63 -12.65 -13.50
C GLY A 10 -15.99 -11.25 -13.44
N GLN A 11 -15.87 -10.65 -12.26
CA GLN A 11 -15.15 -9.36 -12.15
C GLN A 11 -13.63 -9.48 -12.33
N ILE A 12 -13.03 -10.55 -11.80
CA ILE A 12 -11.59 -10.84 -11.95
C ILE A 12 -11.21 -11.63 -13.21
N THR A 13 -10.33 -11.07 -14.03
CA THR A 13 -9.70 -11.83 -15.11
C THR A 13 -8.39 -12.47 -14.61
N VAL A 14 -8.43 -13.80 -14.45
CA VAL A 14 -7.29 -14.60 -14.00
C VAL A 14 -6.28 -14.73 -15.14
N GLY A 15 -5.02 -14.40 -14.85
CA GLY A 15 -3.96 -14.49 -15.84
C GLY A 15 -2.97 -15.58 -15.46
N GLN A 16 -1.69 -15.25 -15.55
CA GLN A 16 -0.59 -16.19 -15.36
C GLN A 16 -0.49 -16.79 -13.96
N ARG A 17 -0.28 -18.11 -13.92
CA ARG A 17 -0.01 -18.82 -12.68
C ARG A 17 1.37 -18.43 -12.13
N ILE A 18 1.44 -18.21 -10.82
CA ILE A 18 2.68 -17.78 -10.20
C ILE A 18 3.38 -18.93 -9.46
N GLY A 19 2.66 -19.59 -8.57
CA GLY A 19 3.17 -20.74 -7.86
C GLY A 19 1.98 -21.47 -7.28
N SER A 20 2.23 -22.64 -6.71
CA SER A 20 1.17 -23.45 -6.10
C SER A 20 1.47 -23.72 -4.62
N GLY A 21 0.95 -24.83 -4.08
CA GLY A 21 1.17 -25.21 -2.68
C GLY A 21 -0.05 -25.83 -2.01
N GLY A 24 -3.70 -23.72 -2.06
CA GLY A 24 -3.91 -23.74 -3.51
C GLY A 24 -2.88 -22.94 -4.30
N THR A 25 -3.35 -22.12 -5.22
CA THR A 25 -2.50 -21.57 -6.28
C THR A 25 -2.60 -20.04 -6.41
N VAL A 26 -1.48 -19.40 -6.69
CA VAL A 26 -1.42 -17.95 -6.84
C VAL A 26 -1.32 -17.60 -8.30
N TYR A 27 -2.22 -16.72 -8.75
CA TYR A 27 -2.16 -16.13 -10.10
C TYR A 27 -2.06 -14.60 -10.05
N LYS A 28 -1.50 -14.02 -11.11
CA LYS A 28 -1.74 -12.64 -11.47
C LYS A 28 -3.15 -12.46 -12.07
N GLY A 29 -3.88 -11.44 -11.62
CA GLY A 29 -5.18 -11.13 -12.19
C GLY A 29 -5.38 -9.66 -12.53
N LYS A 30 -6.49 -9.37 -13.22
CA LYS A 30 -6.93 -7.99 -13.45
C LYS A 30 -8.22 -7.75 -12.72
N TRP A 31 -8.25 -6.65 -11.95
CA TRP A 31 -9.43 -6.11 -11.24
C TRP A 31 -9.09 -4.70 -10.82
N HIS A 32 -9.64 -3.70 -11.52
CA HIS A 32 -9.26 -2.29 -11.31
C HIS A 32 -7.76 -2.11 -11.28
N GLY A 33 -7.08 -2.78 -12.22
CA GLY A 33 -5.62 -2.86 -12.27
C GLY A 33 -5.14 -4.27 -11.93
N ASP A 34 -3.95 -4.38 -11.34
CA ASP A 34 -3.35 -5.68 -11.12
C ASP A 34 -3.68 -6.15 -9.73
N VAL A 35 -3.86 -7.46 -9.59
CA VAL A 35 -4.10 -8.10 -8.29
C VAL A 35 -3.41 -9.46 -8.31
N ALA A 36 -3.19 -10.01 -7.13
CA ALA A 36 -2.82 -11.40 -7.00
C ALA A 36 -4.08 -12.12 -6.57
N VAL A 37 -4.31 -13.30 -7.15
CA VAL A 37 -5.46 -14.09 -6.82
C VAL A 37 -4.96 -15.42 -6.27
N LYS A 38 -5.33 -15.72 -5.05
CA LYS A 38 -4.96 -16.94 -4.42
C LYS A 38 -6.12 -17.90 -4.39
N MET A 39 -6.03 -18.93 -5.20
CA MET A 39 -7.12 -19.93 -5.32
C MET A 39 -6.93 -20.99 -4.27
N LEU A 40 -7.90 -21.15 -3.39
CA LEU A 40 -7.92 -22.32 -2.54
C LEU A 40 -8.46 -23.48 -3.39
N ASN A 41 -7.95 -24.67 -3.14
CA ASN A 41 -8.35 -25.87 -3.85
C ASN A 41 -9.74 -26.37 -3.44
N VAL A 42 -10.80 -25.64 -3.82
CA VAL A 42 -12.21 -25.93 -3.42
C VAL A 42 -13.22 -25.26 -4.38
N THR A 43 -14.06 -26.06 -5.04
CA THR A 43 -15.06 -25.52 -5.99
C THR A 43 -16.51 -25.53 -5.45
N ALA A 44 -16.82 -26.50 -4.59
CA ALA A 44 -18.14 -26.55 -3.97
C ALA A 44 -18.01 -26.62 -2.46
N PRO A 45 -17.70 -25.49 -1.80
CA PRO A 45 -17.44 -25.53 -0.36
C PRO A 45 -18.61 -26.09 0.43
N THR A 46 -18.31 -26.89 1.44
CA THR A 46 -19.32 -27.32 2.40
C THR A 46 -19.71 -26.10 3.23
N PRO A 47 -20.97 -26.02 3.68
CA PRO A 47 -21.28 -25.04 4.72
C PRO A 47 -20.55 -25.37 6.03
N GLN A 48 -19.21 -25.40 5.95
CA GLN A 48 -18.31 -25.65 7.07
C GLN A 48 -16.91 -25.21 6.65
N GLN A 49 -16.61 -25.43 5.37
CA GLN A 49 -15.38 -24.92 4.80
C GLN A 49 -15.54 -23.43 4.54
N LEU A 50 -16.70 -23.07 4.00
CA LEU A 50 -17.10 -21.68 3.79
C LEU A 50 -16.94 -20.85 5.08
N GLN A 51 -17.19 -21.49 6.23
CA GLN A 51 -17.12 -20.79 7.50
C GLN A 51 -15.70 -20.66 8.05
N ALA A 52 -14.84 -21.63 7.77
CA ALA A 52 -13.42 -21.49 8.11
C ALA A 52 -12.72 -20.50 7.15
N PHE A 53 -13.20 -20.45 5.92
CA PHE A 53 -12.71 -19.51 4.90
C PHE A 53 -13.06 -18.06 5.30
N LYS A 54 -14.35 -17.81 5.48
CA LYS A 54 -14.83 -16.50 5.92
C LYS A 54 -14.18 -16.11 7.23
N ASN A 55 -13.91 -17.11 8.05
CA ASN A 55 -13.19 -16.88 9.30
C ASN A 55 -11.76 -16.41 9.06
N GLU A 56 -11.07 -17.04 8.11
CA GLU A 56 -9.71 -16.60 7.76
C GLU A 56 -9.73 -15.23 7.04
N VAL A 57 -10.73 -15.00 6.19
CA VAL A 57 -10.93 -13.69 5.55
C VAL A 57 -11.03 -12.60 6.64
N GLY A 58 -11.80 -12.88 7.69
CA GLY A 58 -11.97 -11.99 8.84
C GLY A 58 -10.65 -11.58 9.49
N VAL A 59 -9.71 -12.52 9.51
CA VAL A 59 -8.39 -12.25 10.05
C VAL A 59 -7.62 -11.26 9.17
N LEU A 60 -7.54 -11.57 7.87
CA LEU A 60 -6.92 -10.71 6.85
C LEU A 60 -7.48 -9.28 6.81
N ARG A 61 -8.78 -9.15 7.06
CA ARG A 61 -9.47 -7.84 7.04
C ARG A 61 -9.11 -6.94 8.22
N LYS A 62 -8.38 -7.46 9.19
CA LYS A 62 -7.95 -6.67 10.34
C LYS A 62 -6.66 -5.93 10.02
N THR A 63 -6.10 -6.16 8.83
CA THR A 63 -4.82 -5.53 8.48
C THR A 63 -4.93 -4.40 7.46
N ARG A 64 -4.34 -3.27 7.83
CA ARG A 64 -4.22 -2.10 6.96
C ARG A 64 -2.91 -1.51 7.38
N HIS A 65 -1.87 -1.83 6.64
CA HIS A 65 -0.54 -1.33 6.98
C HIS A 65 0.34 -1.45 5.78
N VAL A 66 1.22 -0.48 5.58
CA VAL A 66 2.04 -0.44 4.35
C VAL A 66 2.98 -1.64 4.21
N ASN A 67 3.40 -2.26 5.32
CA ASN A 67 4.32 -3.40 5.21
C ASN A 67 3.65 -4.77 5.36
N ILE A 68 2.32 -4.77 5.30
CA ILE A 68 1.53 -6.01 5.21
C ILE A 68 0.83 -6.08 3.86
N LEU A 69 0.98 -7.22 3.17
CA LEU A 69 0.34 -7.40 1.86
C LEU A 69 -1.11 -6.95 1.95
N LEU A 70 -1.55 -6.08 1.03
CA LEU A 70 -2.90 -5.51 1.15
C LEU A 70 -4.03 -6.48 0.72
N PHE A 71 -4.93 -6.78 1.66
CA PHE A 71 -6.12 -7.51 1.34
C PHE A 71 -7.11 -6.63 0.53
N MET A 72 -7.61 -7.14 -0.60
CA MET A 72 -8.49 -6.34 -1.46
C MET A 72 -9.89 -6.92 -1.58
N GLY A 73 -10.04 -8.22 -1.37
CA GLY A 73 -11.36 -8.83 -1.31
C GLY A 73 -11.31 -10.34 -1.42
N TYR A 74 -12.47 -10.97 -1.55
CA TYR A 74 -12.50 -12.41 -1.71
C TYR A 74 -13.54 -12.87 -2.70
N SER A 75 -13.33 -14.06 -3.22
CA SER A 75 -14.17 -14.67 -4.21
C SER A 75 -14.79 -15.92 -3.60
N THR A 76 -16.09 -16.12 -3.85
CA THR A 76 -16.76 -17.40 -3.59
C THR A 76 -16.96 -18.17 -4.91
N LYS A 77 -17.35 -17.46 -5.96
CA LYS A 77 -17.53 -18.06 -7.28
C LYS A 77 -16.52 -17.44 -8.27
N PRO A 78 -15.99 -18.24 -9.22
CA PRO A 78 -16.24 -19.67 -9.49
C PRO A 78 -15.53 -20.61 -8.53
N GLN A 79 -14.85 -20.03 -7.53
CA GLN A 79 -13.90 -20.75 -6.69
C GLN A 79 -13.60 -19.90 -5.46
N LEU A 80 -13.30 -20.54 -4.33
CA LEU A 80 -12.82 -19.80 -3.16
C LEU A 80 -11.45 -19.24 -3.49
N ALA A 81 -11.32 -17.92 -3.31
CA ALA A 81 -10.10 -17.20 -3.68
C ALA A 81 -9.93 -15.94 -2.82
N ILE A 82 -8.69 -15.57 -2.57
CA ILE A 82 -8.35 -14.37 -1.84
C ILE A 82 -7.62 -13.44 -2.81
N VAL A 83 -8.05 -12.17 -2.81
CA VAL A 83 -7.54 -11.17 -3.75
C VAL A 83 -6.71 -10.17 -3.00
N THR A 84 -5.52 -9.91 -3.50
CA THR A 84 -4.63 -8.95 -2.83
C THR A 84 -4.04 -8.01 -3.86
N GLN A 85 -3.31 -7.01 -3.40
CA GLN A 85 -2.49 -6.20 -4.28
C GLN A 85 -1.47 -7.08 -4.99
N TRP A 86 -1.09 -6.64 -6.18
CA TRP A 86 -0.01 -7.23 -6.93
C TRP A 86 1.29 -6.59 -6.55
N CYS A 87 2.28 -7.39 -6.16
CA CYS A 87 3.60 -6.84 -5.88
C CYS A 87 4.49 -7.02 -7.07
N GLU A 88 5.31 -6.01 -7.33
CA GLU A 88 6.30 -6.06 -8.39
C GLU A 88 7.65 -6.46 -7.84
N GLY A 89 8.36 -7.33 -8.56
CA GLY A 89 9.73 -7.70 -8.24
C GLY A 89 9.76 -9.09 -7.63
N SER A 90 10.60 -9.28 -6.62
CA SER A 90 10.76 -10.59 -6.02
C SER A 90 10.84 -10.51 -4.50
N SER A 91 10.87 -11.69 -3.88
CA SER A 91 10.95 -11.83 -2.40
C SER A 91 12.32 -11.43 -1.88
N LEU A 92 12.40 -11.21 -0.57
CA LEU A 92 13.68 -10.89 0.07
C LEU A 92 14.66 -12.05 -0.08
N TYR A 93 14.12 -13.27 -0.03
CA TYR A 93 14.89 -14.49 -0.20
C TYR A 93 15.57 -14.48 -1.56
N HIS A 94 14.81 -14.17 -2.60
CA HIS A 94 15.40 -14.09 -3.94
C HIS A 94 16.57 -13.13 -3.98
N HIS A 95 16.39 -11.92 -3.44
CA HIS A 95 17.44 -10.89 -3.45
C HIS A 95 18.65 -11.30 -2.68
N LEU A 96 18.44 -11.86 -1.48
CA LEU A 96 19.53 -12.23 -0.59
C LEU A 96 20.34 -13.43 -1.06
N HIS A 97 19.68 -14.42 -1.69
CA HIS A 97 20.30 -15.74 -1.86
C HIS A 97 20.35 -16.25 -3.24
N ALA A 98 19.67 -15.59 -4.16
CA ALA A 98 19.67 -16.11 -5.53
C ALA A 98 20.37 -15.15 -6.48
N SER A 99 19.95 -13.89 -6.43
CA SER A 99 20.44 -12.89 -7.37
C SER A 99 21.59 -12.08 -6.76
N GLU A 100 21.73 -12.14 -5.44
CA GLU A 100 22.82 -11.47 -4.71
C GLU A 100 22.82 -9.96 -4.97
N THR A 101 21.68 -9.32 -4.70
CA THR A 101 21.52 -7.88 -4.83
C THR A 101 22.46 -7.17 -3.84
N LYS A 102 23.42 -6.43 -4.39
CA LYS A 102 24.36 -5.67 -3.60
C LYS A 102 23.61 -4.56 -2.89
N PHE A 103 23.07 -4.87 -1.71
CA PHE A 103 22.43 -3.87 -0.87
C PHE A 103 23.48 -3.23 0.03
N GLU A 104 23.47 -1.91 0.13
CA GLU A 104 24.25 -1.22 1.15
C GLU A 104 23.61 -1.47 2.52
N MET A 105 24.42 -1.40 3.57
CA MET A 105 23.96 -1.67 4.93
C MET A 105 22.79 -0.76 5.31
N LYS A 106 22.76 0.43 4.73
CA LYS A 106 21.67 1.37 4.94
C LYS A 106 20.32 0.75 4.51
N LYS A 107 20.31 0.12 3.33
CA LYS A 107 19.11 -0.51 2.79
C LYS A 107 18.73 -1.76 3.61
N LEU A 108 19.73 -2.59 3.90
CA LEU A 108 19.58 -3.77 4.76
C LEU A 108 18.89 -3.44 6.07
N ILE A 109 19.31 -2.36 6.71
CA ILE A 109 18.70 -1.89 7.96
C ILE A 109 17.26 -1.43 7.69
N ASP A 110 17.08 -0.68 6.61
CA ASP A 110 15.73 -0.23 6.26
C ASP A 110 14.76 -1.42 6.12
N ILE A 111 15.20 -2.48 5.44
CA ILE A 111 14.38 -3.70 5.25
C ILE A 111 13.94 -4.34 6.59
N ALA A 112 14.90 -4.50 7.49
CA ALA A 112 14.67 -4.97 8.86
C ALA A 112 13.68 -4.09 9.57
N ARG A 113 13.87 -2.78 9.42
CA ARG A 113 13.01 -1.80 10.09
C ARG A 113 11.58 -1.96 9.58
N GLN A 114 11.44 -2.02 8.26
CA GLN A 114 10.12 -2.21 7.62
C GLN A 114 9.50 -3.56 8.02
N THR A 115 10.32 -4.61 8.09
CA THR A 115 9.83 -5.94 8.50
C THR A 115 9.35 -5.87 9.94
N ALA A 116 10.12 -5.17 10.78
CA ALA A 116 9.78 -4.98 12.20
C ALA A 116 8.48 -4.21 12.37
N ARG A 117 8.29 -3.17 11.56
CA ARG A 117 7.02 -2.43 11.53
C ARG A 117 5.79 -3.30 11.24
N GLY A 118 5.88 -4.14 10.20
CA GLY A 118 4.76 -5.03 9.87
C GLY A 118 4.49 -6.06 10.95
N MET A 119 5.55 -6.63 11.50
CA MET A 119 5.42 -7.62 12.55
C MET A 119 4.86 -7.01 13.83
N ASP A 120 5.40 -5.85 14.21
CA ASP A 120 4.90 -5.13 15.37
C ASP A 120 3.43 -4.81 15.18
N TYR A 121 3.08 -4.34 13.99
CA TYR A 121 1.67 -4.16 13.65
C TYR A 121 0.83 -5.44 13.84
N LEU A 122 1.21 -6.55 13.19
CA LEU A 122 0.44 -7.82 13.32
C LEU A 122 0.26 -8.22 14.77
N HIS A 123 1.37 -8.17 15.53
CA HIS A 123 1.33 -8.48 16.95
C HIS A 123 0.40 -7.57 17.73
N ALA A 124 0.37 -6.27 17.40
CA ALA A 124 -0.60 -5.37 18.02
C ALA A 124 -2.03 -5.82 17.77
N LYS A 125 -2.31 -6.29 16.56
CA LYS A 125 -3.66 -6.78 16.23
C LYS A 125 -3.88 -8.25 16.68
N SER A 126 -2.97 -8.79 17.49
CA SER A 126 -3.05 -10.17 18.03
C SER A 126 -3.03 -11.22 16.92
N ILE A 127 -2.21 -10.99 15.90
CA ILE A 127 -2.04 -11.95 14.84
C ILE A 127 -0.64 -12.54 14.93
N ILE A 128 -0.58 -13.86 15.00
CA ILE A 128 0.69 -14.55 14.96
C ILE A 128 0.88 -14.99 13.53
N HIS A 129 2.03 -14.67 12.96
CA HIS A 129 2.29 -14.99 11.57
C HIS A 129 2.41 -16.47 11.34
N ARG A 130 3.28 -17.14 12.10
CA ARG A 130 3.47 -18.61 12.05
C ARG A 130 4.43 -19.11 10.97
N ASP A 131 4.72 -18.27 9.98
CA ASP A 131 5.59 -18.70 8.91
C ASP A 131 6.43 -17.55 8.33
N LEU A 132 6.92 -16.67 9.21
CA LEU A 132 7.78 -15.60 8.76
C LEU A 132 9.10 -16.16 8.26
N LYS A 133 9.44 -15.82 7.03
CA LYS A 133 10.71 -16.16 6.46
C LYS A 133 10.94 -15.20 5.32
N SER A 134 12.16 -15.17 4.78
CA SER A 134 12.48 -14.21 3.75
C SER A 134 11.74 -14.44 2.43
N ASN A 135 11.23 -15.67 2.22
CA ASN A 135 10.45 -15.98 1.01
C ASN A 135 9.10 -15.29 1.10
N ASN A 136 8.72 -14.91 2.32
CA ASN A 136 7.40 -14.38 2.59
C ASN A 136 7.42 -12.89 2.81
N ILE A 137 8.57 -12.32 2.52
CA ILE A 137 8.74 -10.90 2.60
C ILE A 137 8.90 -10.49 1.15
N PHE A 138 7.91 -9.78 0.62
CA PHE A 138 8.00 -9.36 -0.76
C PHE A 138 8.60 -7.95 -0.82
N LEU A 139 9.60 -7.75 -1.66
CA LEU A 139 10.20 -6.42 -1.83
C LEU A 139 9.56 -5.71 -3.01
N HIS A 140 8.42 -5.10 -2.74
CA HIS A 140 7.61 -4.48 -3.76
C HIS A 140 8.39 -3.34 -4.35
N GLU A 141 8.50 -3.31 -5.67
CA GLU A 141 9.28 -2.29 -6.38
C GLU A 141 10.71 -2.16 -5.84
N ASP A 142 11.24 -3.24 -5.25
CA ASP A 142 12.57 -3.25 -4.62
C ASP A 142 12.75 -2.33 -3.39
N ASN A 143 11.67 -1.72 -2.90
CA ASN A 143 11.81 -0.77 -1.79
C ASN A 143 10.98 -1.08 -0.55
N THR A 144 9.73 -1.49 -0.75
CA THR A 144 8.77 -1.68 0.32
C THR A 144 8.55 -3.17 0.64
N VAL A 145 8.75 -3.49 1.90
CA VAL A 145 8.53 -4.83 2.44
C VAL A 145 7.03 -5.08 2.49
N LYS A 146 6.58 -6.16 1.88
CA LYS A 146 5.19 -6.58 2.08
C LYS A 146 5.25 -7.97 2.68
N ILE A 147 4.73 -8.09 3.89
CA ILE A 147 4.70 -9.38 4.56
C ILE A 147 3.46 -10.15 4.12
N GLY A 148 3.69 -11.34 3.58
CA GLY A 148 2.56 -12.15 3.11
C GLY A 148 2.54 -13.53 3.70
N ASP A 149 1.56 -14.31 3.26
CA ASP A 149 1.47 -15.75 3.52
C ASP A 149 1.26 -16.12 4.96
N PHE A 150 0.33 -15.45 5.63
CA PHE A 150 -0.07 -15.77 7.01
C PHE A 150 -1.56 -16.08 7.13
N GLY A 151 -2.25 -16.17 6.01
CA GLY A 151 -3.63 -16.65 5.98
C GLY A 151 -3.67 -18.16 5.74
N GLY A 170 10.07 -27.06 5.00
CA GLY A 170 10.24 -25.93 4.09
C GLY A 170 10.41 -24.62 4.83
N SER A 171 9.98 -24.63 6.08
CA SER A 171 10.09 -23.46 6.93
C SER A 171 11.09 -23.67 8.06
N ILE A 172 11.82 -24.81 8.02
CA ILE A 172 12.52 -25.27 9.22
C ILE A 172 13.65 -24.37 9.70
N LEU A 173 14.33 -23.70 8.78
CA LEU A 173 15.43 -22.81 9.16
C LEU A 173 14.96 -21.62 10.03
N TRP A 174 13.69 -21.24 9.91
CA TRP A 174 13.11 -20.12 10.67
C TRP A 174 12.34 -20.56 11.90
N MET A 175 12.27 -21.88 12.11
CA MET A 175 11.51 -22.43 13.25
C MET A 175 12.28 -22.33 14.57
N ALA A 176 11.64 -21.74 15.57
CA ALA A 176 12.15 -21.70 16.94
C ALA A 176 12.28 -23.14 17.51
N PRO A 177 13.28 -23.38 18.39
CA PRO A 177 13.57 -24.71 18.93
C PRO A 177 12.32 -25.37 19.45
N GLU A 178 11.47 -24.59 20.13
CA GLU A 178 10.24 -25.13 20.71
C GLU A 178 9.22 -25.52 19.63
N VAL A 179 9.29 -24.83 18.50
CA VAL A 179 8.41 -25.16 17.40
C VAL A 179 8.96 -26.43 16.72
N ILE A 180 10.27 -26.43 16.50
CA ILE A 180 10.99 -27.51 15.84
C ILE A 180 10.86 -28.81 16.60
N ARG A 181 10.78 -28.73 17.93
CA ARG A 181 10.57 -29.89 18.80
C ARG A 181 9.33 -30.66 18.38
N MET A 182 8.93 -30.47 17.12
CA MET A 182 7.77 -31.15 16.54
C MET A 182 6.50 -30.76 17.31
N GLN A 183 6.69 -29.93 18.34
CA GLN A 183 5.63 -29.36 19.20
C GLN A 183 5.46 -30.14 20.51
N ASN A 186 0.78 -25.55 21.31
CA ASN A 186 1.30 -24.49 22.17
C ASN A 186 2.53 -23.77 21.58
N PRO A 187 3.12 -24.32 20.51
CA PRO A 187 4.45 -23.83 20.11
C PRO A 187 4.42 -22.52 19.33
N TYR A 188 3.36 -22.28 18.56
CA TYR A 188 3.26 -21.05 17.78
C TYR A 188 2.88 -19.91 18.69
N SER A 189 3.77 -18.94 18.78
CA SER A 189 3.55 -17.82 19.69
C SER A 189 4.14 -16.56 19.09
N PHE A 190 3.86 -15.44 19.74
CA PHE A 190 4.53 -14.18 19.41
C PHE A 190 6.03 -14.34 19.43
N GLN A 191 6.54 -15.18 20.34
CA GLN A 191 7.99 -15.36 20.47
C GLN A 191 8.64 -16.24 19.40
N SER A 192 7.89 -17.21 18.88
CA SER A 192 8.36 -17.96 17.70
C SER A 192 8.44 -17.06 16.47
N ASP A 193 7.51 -16.12 16.35
CA ASP A 193 7.63 -15.09 15.28
C ASP A 193 8.90 -14.29 15.45
N VAL A 194 9.17 -13.93 16.71
CA VAL A 194 10.38 -13.15 17.00
C VAL A 194 11.64 -13.91 16.60
N TYR A 195 11.69 -15.19 16.93
CA TYR A 195 12.81 -16.03 16.54
C TYR A 195 12.96 -16.06 15.02
N ALA A 196 11.85 -16.30 14.31
CA ALA A 196 11.87 -16.30 12.85
C ALA A 196 12.38 -14.93 12.32
N PHE A 197 11.88 -13.85 12.92
CA PHE A 197 12.43 -12.52 12.60
C PHE A 197 13.95 -12.46 12.85
N GLY A 198 14.39 -13.07 13.95
CA GLY A 198 15.83 -13.20 14.19
C GLY A 198 16.57 -13.88 13.06
N ILE A 199 16.02 -14.99 12.56
CA ILE A 199 16.66 -15.65 11.41
C ILE A 199 16.70 -14.70 10.21
N VAL A 200 15.65 -13.89 10.04
CA VAL A 200 15.60 -12.93 8.95
C VAL A 200 16.70 -11.87 9.10
N LEU A 201 16.89 -11.36 10.31
CA LEU A 201 18.03 -10.47 10.59
C LEU A 201 19.35 -11.15 10.25
N TYR A 202 19.44 -12.43 10.61
CA TYR A 202 20.63 -13.19 10.29
C TYR A 202 20.86 -13.21 8.78
N GLU A 203 19.81 -13.51 8.02
CA GLU A 203 19.91 -13.50 6.57
C GLU A 203 20.39 -12.14 6.05
N LEU A 204 19.80 -11.08 6.58
CA LEU A 204 20.12 -9.72 6.13
C LEU A 204 21.56 -9.39 6.49
N MET A 205 21.90 -9.54 7.78
CA MET A 205 23.20 -9.13 8.30
C MET A 205 24.40 -10.02 7.92
N THR A 206 24.13 -11.20 7.36
CA THR A 206 25.20 -12.11 6.90
C THR A 206 25.16 -12.35 5.41
N GLY A 207 24.02 -12.10 4.78
CA GLY A 207 23.83 -12.44 3.38
C GLY A 207 23.69 -13.95 3.15
N GLN A 208 23.59 -14.71 4.24
CA GLN A 208 23.58 -16.18 4.17
C GLN A 208 22.40 -16.81 4.90
N LEU A 209 22.03 -18.02 4.48
CA LEU A 209 21.15 -18.87 5.25
C LEU A 209 21.93 -19.56 6.36
N PRO A 210 21.29 -19.73 7.54
CA PRO A 210 21.93 -20.38 8.68
C PRO A 210 22.22 -21.86 8.43
N TYR A 211 23.26 -22.38 9.08
CA TYR A 211 23.65 -23.81 9.00
C TYR A 211 23.98 -24.22 7.57
N SER A 212 24.55 -23.28 6.81
CA SER A 212 24.92 -23.52 5.41
C SER A 212 25.92 -24.68 5.23
N ASN A 213 26.74 -24.92 6.25
CA ASN A 213 27.69 -26.03 6.20
C ASN A 213 27.13 -27.35 6.71
N ILE A 214 25.81 -27.41 6.87
CA ILE A 214 25.14 -28.64 7.24
C ILE A 214 23.92 -28.80 6.34
N ASN A 215 24.10 -29.42 5.18
CA ASN A 215 22.97 -29.61 4.31
C ASN A 215 22.18 -30.89 4.68
N ASN A 216 21.61 -30.91 5.87
CA ASN A 216 20.90 -32.09 6.40
C ASN A 216 19.72 -31.73 7.28
N ARG A 217 18.55 -31.92 6.73
CA ARG A 217 17.30 -31.53 7.36
C ARG A 217 17.09 -32.24 8.71
N ASP A 218 17.29 -33.56 8.73
CA ASP A 218 17.05 -34.32 9.96
C ASP A 218 18.01 -33.88 11.07
N GLN A 219 19.25 -33.63 10.70
CA GLN A 219 20.28 -33.19 11.62
C GLN A 219 19.92 -31.82 12.23
N ILE A 220 19.47 -30.89 11.39
CA ILE A 220 19.08 -29.56 11.82
C ILE A 220 17.87 -29.63 12.74
N ILE A 221 16.88 -30.43 12.37
CA ILE A 221 15.70 -30.65 13.23
C ILE A 221 16.13 -31.14 14.59
N GLU A 222 17.02 -32.14 14.62
CA GLU A 222 17.50 -32.74 15.87
C GLU A 222 18.30 -31.73 16.72
N MET A 223 19.31 -31.13 16.10
CA MET A 223 20.21 -30.23 16.80
C MET A 223 19.60 -28.90 17.24
N VAL A 224 18.78 -28.27 16.39
CA VAL A 224 18.17 -27.00 16.77
C VAL A 224 17.12 -27.31 17.81
N GLY A 225 16.36 -28.39 17.60
CA GLY A 225 15.33 -28.82 18.54
C GLY A 225 15.84 -29.05 19.97
N ARG A 226 17.01 -29.68 20.10
CA ARG A 226 17.60 -29.98 21.40
C ARG A 226 18.45 -28.81 21.95
N GLY A 227 18.69 -27.78 21.15
CA GLY A 227 19.43 -26.60 21.62
C GLY A 227 20.93 -26.72 21.48
N SER A 228 21.41 -27.69 20.70
CA SER A 228 22.84 -27.86 20.50
C SER A 228 23.40 -27.07 19.32
N LEU A 229 22.51 -26.55 18.47
CA LEU A 229 22.95 -25.82 17.26
C LEU A 229 22.18 -24.52 17.16
N SER A 230 22.90 -23.45 16.87
CA SER A 230 22.28 -22.17 16.61
C SER A 230 23.07 -21.43 15.50
N PRO A 231 22.47 -20.36 14.94
CA PRO A 231 23.13 -19.71 13.81
C PRO A 231 24.49 -19.14 14.20
N ASP A 232 25.46 -19.26 13.30
CA ASP A 232 26.84 -18.87 13.57
C ASP A 232 26.98 -17.34 13.45
N LEU A 233 26.98 -16.67 14.60
CA LEU A 233 26.99 -15.18 14.65
C LEU A 233 28.30 -14.55 14.23
N SER A 234 29.38 -15.33 14.18
CA SER A 234 30.67 -14.84 13.74
C SER A 234 30.58 -14.42 12.27
N LYS A 235 29.51 -14.84 11.60
CA LYS A 235 29.34 -14.56 10.18
C LYS A 235 28.65 -13.24 9.84
N VAL A 236 28.13 -12.53 10.85
CA VAL A 236 27.51 -11.22 10.59
C VAL A 236 28.60 -10.24 10.18
N ARG A 237 28.33 -9.52 9.08
CA ARG A 237 29.35 -8.71 8.41
C ARG A 237 29.98 -7.66 9.29
N SER A 238 31.18 -7.23 8.90
CA SER A 238 31.89 -6.15 9.58
C SER A 238 31.02 -4.89 9.77
N ASN A 239 30.21 -4.58 8.75
CA ASN A 239 29.39 -3.36 8.70
C ASN A 239 28.22 -3.33 9.69
N CYS A 240 27.89 -4.47 10.28
CA CYS A 240 26.67 -4.58 11.05
C CYS A 240 26.74 -3.84 12.38
N PRO A 241 25.99 -2.73 12.51
CA PRO A 241 25.99 -2.01 13.78
C PRO A 241 25.92 -2.99 14.93
N LYS A 242 26.94 -2.98 15.78
CA LYS A 242 27.05 -3.92 16.89
C LYS A 242 25.73 -3.99 17.67
N ARG A 243 24.97 -2.91 17.62
CA ARG A 243 23.66 -2.81 18.27
C ARG A 243 22.59 -3.68 17.61
N MET A 244 22.76 -3.92 16.30
CA MET A 244 21.89 -4.80 15.53
C MET A 244 22.24 -6.26 15.82
N LYS A 245 23.55 -6.55 15.83
CA LYS A 245 24.07 -7.90 16.12
C LYS A 245 23.60 -8.41 17.48
N ARG A 246 23.62 -7.54 18.48
CA ARG A 246 23.10 -7.86 19.80
C ARG A 246 21.60 -8.12 19.76
N LEU A 247 20.87 -7.32 19.01
CA LEU A 247 19.42 -7.47 18.91
C LEU A 247 19.05 -8.81 18.27
N MET A 248 19.76 -9.15 17.21
CA MET A 248 19.62 -10.43 16.54
C MET A 248 19.88 -11.62 17.49
N ALA A 249 20.92 -11.50 18.32
CA ALA A 249 21.19 -12.50 19.37
C ALA A 249 20.05 -12.64 20.37
N GLU A 250 19.43 -11.53 20.78
CA GLU A 250 18.26 -11.58 21.68
C GLU A 250 17.04 -12.27 21.05
N CYS A 251 16.81 -11.99 19.77
CA CYS A 251 15.71 -12.59 19.04
C CYS A 251 15.89 -14.10 18.91
N LEU A 252 17.14 -14.54 18.89
CA LEU A 252 17.45 -15.95 18.66
C LEU A 252 17.62 -16.76 19.93
N LYS A 253 17.26 -16.18 21.06
CA LYS A 253 17.33 -16.92 22.33
C LYS A 253 16.54 -18.21 22.27
N LYS A 254 17.21 -19.32 22.52
CA LYS A 254 16.59 -20.66 22.50
C LYS A 254 15.48 -20.71 23.53
N LYS A 255 15.67 -19.87 24.53
CA LYS A 255 14.81 -19.80 25.69
C LYS A 255 13.75 -18.78 25.30
N ARG A 256 12.54 -19.25 25.04
CA ARG A 256 11.48 -18.42 24.45
C ARG A 256 11.18 -17.12 25.22
N ASP A 257 11.16 -17.20 26.56
CA ASP A 257 10.83 -16.04 27.39
C ASP A 257 11.95 -15.03 27.43
N GLU A 258 13.14 -15.42 27.03
CA GLU A 258 14.24 -14.47 27.02
C GLU A 258 14.26 -13.58 25.78
N ARG A 259 13.30 -13.79 24.88
CA ARG A 259 13.24 -13.04 23.63
C ARG A 259 12.56 -11.70 23.85
N PRO A 260 13.06 -10.64 23.18
CA PRO A 260 12.34 -9.36 23.19
C PRO A 260 10.99 -9.45 22.48
N SER A 261 10.13 -8.49 22.78
CA SER A 261 8.87 -8.30 22.06
C SER A 261 9.08 -7.34 20.88
N PHE A 262 8.12 -7.30 19.95
CA PHE A 262 8.25 -6.43 18.79
C PHE A 262 8.31 -4.93 19.10
N PRO A 263 7.47 -4.44 20.05
CA PRO A 263 7.56 -3.00 20.40
C PRO A 263 9.00 -2.61 20.72
N ARG A 264 9.67 -3.44 21.52
CA ARG A 264 11.08 -3.25 21.86
C ARG A 264 11.98 -3.44 20.65
N ILE A 265 11.70 -4.47 19.84
CA ILE A 265 12.50 -4.69 18.64
C ILE A 265 12.39 -3.48 17.70
N LEU A 266 11.16 -3.02 17.47
CA LEU A 266 10.95 -1.84 16.62
C LEU A 266 11.68 -0.59 17.17
N ALA A 267 11.39 -0.22 18.41
CA ALA A 267 12.07 0.91 19.07
C ALA A 267 13.59 0.83 18.86
N GLU A 268 14.17 -0.31 19.21
CA GLU A 268 15.58 -0.57 18.99
C GLU A 268 16.06 -0.31 17.54
N ILE A 269 15.40 -0.90 16.54
CA ILE A 269 15.86 -0.78 15.14
C ILE A 269 15.71 0.64 14.61
N GLU A 270 14.63 1.32 15.01
CA GLU A 270 14.46 2.71 14.61
C GLU A 270 15.54 3.65 15.17
N GLU A 271 15.98 3.39 16.39
CA GLU A 271 17.01 4.22 17.03
C GLU A 271 18.39 4.07 16.40
N LEU A 272 18.80 2.84 16.10
CA LEU A 272 20.10 2.64 15.46
C LEU A 272 20.08 3.10 14.00
N ALA A 273 18.87 3.19 13.44
CA ALA A 273 18.68 3.64 12.06
C ALA A 273 19.01 5.14 11.87
N ARG A 274 18.98 5.89 12.97
CA ARG A 274 19.42 7.29 12.93
C ARG A 274 20.93 7.35 12.67
N GLU A 275 21.71 6.82 13.60
CA GLU A 275 23.16 6.74 13.48
C GLU A 275 23.58 5.88 12.28
N ASP B 3 -14.76 -5.73 13.36
CA ASP B 3 -13.92 -4.65 12.77
C ASP B 3 -14.16 -3.27 13.40
N ASP B 4 -13.29 -2.92 14.34
CA ASP B 4 -13.22 -1.57 14.87
C ASP B 4 -11.85 -1.02 14.47
N TRP B 5 -11.83 0.15 13.83
CA TRP B 5 -10.56 0.75 13.42
C TRP B 5 -10.12 1.90 14.31
N GLU B 6 -10.75 1.98 15.47
CA GLU B 6 -10.38 2.95 16.47
C GLU B 6 -9.02 2.64 17.07
N ILE B 7 -8.14 3.63 17.05
CA ILE B 7 -6.83 3.56 17.66
C ILE B 7 -6.93 4.22 19.04
N PRO B 8 -6.69 3.44 20.13
CA PRO B 8 -6.73 4.02 21.49
C PRO B 8 -5.60 5.01 21.75
N ASP B 9 -5.85 5.98 22.63
CA ASP B 9 -4.93 7.09 22.86
C ASP B 9 -3.60 6.70 23.48
N GLY B 10 -2.54 7.44 23.14
CA GLY B 10 -1.22 7.24 23.71
C GLY B 10 -0.38 6.26 22.91
N GLN B 11 -0.94 5.82 21.78
CA GLN B 11 -0.21 4.96 20.87
C GLN B 11 0.46 5.84 19.83
N ILE B 12 -0.25 6.90 19.42
CA ILE B 12 0.22 7.80 18.37
C ILE B 12 1.10 8.92 18.91
N THR B 13 2.34 8.95 18.46
CA THR B 13 3.25 10.06 18.71
C THR B 13 3.16 11.04 17.54
N VAL B 14 2.32 12.06 17.68
CA VAL B 14 2.13 13.08 16.63
C VAL B 14 3.32 14.05 16.56
N GLY B 15 3.85 14.27 15.35
CA GLY B 15 5.09 15.03 15.14
C GLY B 15 4.91 16.30 14.32
N GLN B 16 5.90 16.66 13.51
CA GLN B 16 5.90 17.95 12.79
C GLN B 16 4.68 18.21 11.88
N ARG B 17 4.19 19.46 11.90
CA ARG B 17 3.04 19.85 11.09
C ARG B 17 3.41 19.88 9.60
N ILE B 18 2.50 19.44 8.74
CA ILE B 18 2.77 19.32 7.31
C ILE B 18 1.97 20.33 6.50
N GLY B 19 0.67 20.43 6.79
CA GLY B 19 -0.22 21.34 6.09
C GLY B 19 -1.55 21.49 6.80
N SER B 20 -2.27 22.57 6.48
CA SER B 20 -3.53 22.91 7.14
C SER B 20 -4.54 23.55 6.19
N GLY B 24 -9.33 19.71 8.32
CA GLY B 24 -8.37 19.32 9.34
C GLY B 24 -6.93 19.64 8.95
N THR B 25 -6.00 19.44 9.88
CA THR B 25 -4.56 19.73 9.68
C THR B 25 -3.68 18.47 9.84
N VAL B 26 -2.67 18.35 8.97
CA VAL B 26 -1.94 17.10 8.84
C VAL B 26 -0.54 17.16 9.40
N TYR B 27 -0.25 16.20 10.28
CA TYR B 27 1.10 16.01 10.85
C TYR B 27 1.70 14.65 10.46
N LYS B 28 3.02 14.57 10.42
CA LYS B 28 3.70 13.28 10.37
C LYS B 28 3.64 12.71 11.78
N GLY B 29 3.57 11.39 11.86
CA GLY B 29 3.37 10.72 13.14
C GLY B 29 4.06 9.37 13.22
N LYS B 30 4.05 8.79 14.41
CA LYS B 30 4.63 7.48 14.63
C LYS B 30 3.60 6.55 15.21
N TRP B 31 3.36 5.45 14.49
CA TRP B 31 2.44 4.40 14.91
C TRP B 31 2.84 3.19 14.10
N HIS B 32 3.34 2.17 14.78
CA HIS B 32 3.91 0.99 14.12
C HIS B 32 4.68 1.40 12.90
N GLY B 33 5.47 2.47 13.05
CA GLY B 33 6.22 3.04 11.94
C GLY B 33 5.62 4.40 11.62
N ASP B 34 5.88 4.88 10.42
CA ASP B 34 5.38 6.18 9.98
C ASP B 34 3.90 6.16 9.62
N VAL B 35 3.22 7.23 10.00
CA VAL B 35 1.84 7.49 9.62
C VAL B 35 1.63 8.98 9.31
N ALA B 36 0.57 9.29 8.58
CA ALA B 36 0.13 10.68 8.48
C ALA B 36 -1.06 10.78 9.39
N VAL B 37 -1.20 11.93 10.02
CA VAL B 37 -2.29 12.18 10.94
C VAL B 37 -2.98 13.50 10.59
N LYS B 38 -4.26 13.41 10.29
CA LYS B 38 -5.08 14.55 9.93
C LYS B 38 -6.07 14.79 11.04
N MET B 39 -5.91 15.91 11.74
CA MET B 39 -6.82 16.22 12.85
C MET B 39 -7.51 17.55 12.74
N LEU B 40 -8.71 17.60 13.27
CA LEU B 40 -9.46 18.84 13.39
C LEU B 40 -9.12 19.45 14.75
N ASN B 41 -8.48 20.62 14.76
CA ASN B 41 -8.10 21.23 16.04
C ASN B 41 -9.15 22.18 16.68
N VAL B 42 -10.37 21.67 16.83
CA VAL B 42 -11.37 22.27 17.71
C VAL B 42 -10.98 21.99 19.16
N THR B 43 -11.60 22.69 20.11
CA THR B 43 -11.47 22.36 21.54
C THR B 43 -12.32 21.12 21.83
N ALA B 44 -13.48 21.08 21.18
CA ALA B 44 -14.46 20.00 21.33
C ALA B 44 -15.32 19.95 20.06
N PRO B 45 -15.51 18.76 19.49
CA PRO B 45 -16.41 18.73 18.34
C PRO B 45 -17.89 18.88 18.73
N THR B 46 -18.63 19.60 17.90
CA THR B 46 -20.09 19.63 17.94
C THR B 46 -20.62 18.26 17.53
N PRO B 47 -21.88 17.93 17.90
CA PRO B 47 -22.46 16.69 17.37
C PRO B 47 -22.67 16.69 15.85
N GLN B 48 -22.50 17.85 15.23
CA GLN B 48 -22.62 17.99 13.77
C GLN B 48 -21.28 17.70 13.07
N GLN B 49 -20.20 18.24 13.64
CA GLN B 49 -18.84 17.92 13.20
C GLN B 49 -18.54 16.43 13.38
N LEU B 50 -19.02 15.88 14.49
CA LEU B 50 -18.80 14.48 14.86
C LEU B 50 -19.47 13.53 13.87
N GLN B 51 -20.62 13.95 13.32
CA GLN B 51 -21.33 13.19 12.31
C GLN B 51 -20.58 13.18 10.97
N ALA B 52 -20.10 14.35 10.55
CA ALA B 52 -19.26 14.46 9.35
C ALA B 52 -18.08 13.51 9.45
N PHE B 53 -17.47 13.46 10.64
CA PHE B 53 -16.28 12.63 10.88
C PHE B 53 -16.60 11.14 10.81
N LYS B 54 -17.66 10.70 11.53
CA LYS B 54 -18.18 9.33 11.38
C LYS B 54 -18.43 8.95 9.92
N ASN B 55 -19.15 9.81 9.18
CA ASN B 55 -19.43 9.60 7.76
C ASN B 55 -18.17 9.49 6.90
N GLU B 56 -17.26 10.43 7.07
CA GLU B 56 -15.99 10.42 6.37
C GLU B 56 -15.19 9.13 6.65
N VAL B 57 -15.16 8.73 7.92
CA VAL B 57 -14.51 7.47 8.29
C VAL B 57 -15.23 6.28 7.68
N GLY B 58 -16.57 6.33 7.68
CA GLY B 58 -17.40 5.37 6.96
C GLY B 58 -16.98 5.17 5.51
N VAL B 59 -16.75 6.25 4.75
CA VAL B 59 -16.35 6.06 3.35
C VAL B 59 -14.91 5.56 3.20
N LEU B 60 -13.99 6.11 3.99
CA LEU B 60 -12.60 5.72 3.89
C LEU B 60 -12.37 4.23 4.14
N ARG B 61 -13.09 3.66 5.11
CA ARG B 61 -12.94 2.24 5.46
C ARG B 61 -13.38 1.30 4.32
N LYS B 62 -14.04 1.85 3.30
CA LYS B 62 -14.50 1.06 2.16
C LYS B 62 -13.45 0.98 1.08
N THR B 63 -12.25 1.49 1.38
CA THR B 63 -11.21 1.56 0.35
C THR B 63 -9.98 0.70 0.67
N ARG B 64 -9.68 -0.21 -0.26
CA ARG B 64 -8.46 -0.99 -0.21
C ARG B 64 -7.97 -1.18 -1.62
N HIS B 65 -7.01 -0.36 -2.01
CA HIS B 65 -6.45 -0.36 -3.36
C HIS B 65 -5.14 0.34 -3.29
N VAL B 66 -4.22 -0.09 -4.14
CA VAL B 66 -2.86 0.42 -4.10
C VAL B 66 -2.79 1.91 -4.51
N ASN B 67 -3.74 2.39 -5.31
CA ASN B 67 -3.68 3.74 -5.83
C ASN B 67 -4.53 4.74 -5.01
N ILE B 68 -5.00 4.27 -3.86
CA ILE B 68 -5.80 5.09 -2.97
C ILE B 68 -5.03 5.19 -1.64
N LEU B 69 -4.77 6.42 -1.20
CA LEU B 69 -4.10 6.64 0.08
C LEU B 69 -4.67 5.64 1.08
N LEU B 70 -3.80 4.92 1.78
CA LEU B 70 -4.26 3.89 2.71
C LEU B 70 -4.77 4.42 4.08
N PHE B 71 -6.07 4.23 4.29
CA PHE B 71 -6.72 4.42 5.58
C PHE B 71 -6.23 3.35 6.56
N MET B 72 -5.68 3.78 7.69
CA MET B 72 -5.18 2.88 8.73
C MET B 72 -5.99 2.89 10.03
N GLY B 73 -6.61 4.01 10.36
CA GLY B 73 -7.50 4.09 11.50
C GLY B 73 -7.92 5.51 11.83
N TYR B 74 -8.62 5.64 12.95
CA TYR B 74 -9.13 6.93 13.43
C TYR B 74 -9.02 7.06 14.94
N SER B 75 -9.01 8.30 15.42
CA SER B 75 -8.98 8.59 16.84
C SER B 75 -9.98 9.69 17.18
N THR B 76 -10.66 9.53 18.32
CA THR B 76 -11.54 10.57 18.88
C THR B 76 -10.87 11.19 20.10
N LYS B 77 -10.09 10.36 20.80
CA LYS B 77 -9.58 10.62 22.15
C LYS B 77 -9.36 12.10 22.50
N PRO B 78 -8.24 12.71 22.04
CA PRO B 78 -8.15 14.15 22.32
C PRO B 78 -8.85 14.98 21.23
N GLN B 79 -8.41 14.83 19.99
CA GLN B 79 -9.06 15.50 18.86
C GLN B 79 -9.52 14.47 17.84
N LEU B 80 -10.49 14.85 17.01
CA LEU B 80 -10.87 14.02 15.86
C LEU B 80 -9.68 13.91 14.92
N ALA B 81 -9.26 12.68 14.64
CA ALA B 81 -8.05 12.42 13.87
C ALA B 81 -8.26 11.26 12.90
N ILE B 82 -7.65 11.34 11.73
CA ILE B 82 -7.68 10.28 10.75
C ILE B 82 -6.25 9.85 10.44
N VAL B 83 -6.00 8.55 10.53
CA VAL B 83 -4.66 8.03 10.39
C VAL B 83 -4.55 7.28 9.06
N THR B 84 -3.46 7.53 8.35
CA THR B 84 -3.27 6.98 7.03
C THR B 84 -1.81 6.62 6.94
N GLN B 85 -1.43 5.94 5.87
CA GLN B 85 -0.02 5.63 5.59
C GLN B 85 0.72 6.94 5.34
N TRP B 86 2.03 6.88 5.52
CA TRP B 86 2.90 7.99 5.25
C TRP B 86 3.48 7.85 3.87
N CYS B 87 3.12 8.77 2.99
CA CYS B 87 3.69 8.81 1.64
C CYS B 87 4.97 9.58 1.65
N GLU B 88 5.92 9.11 0.86
CA GLU B 88 7.23 9.71 0.78
C GLU B 88 7.33 10.37 -0.58
N GLY B 89 7.92 11.57 -0.61
CA GLY B 89 8.08 12.35 -1.84
C GLY B 89 7.08 13.49 -1.88
N SER B 90 6.69 13.87 -3.09
CA SER B 90 5.80 15.02 -3.27
C SER B 90 4.56 14.67 -4.09
N SER B 91 3.64 15.62 -4.15
CA SER B 91 2.47 15.55 -5.00
C SER B 91 2.84 15.64 -6.49
N LEU B 92 1.92 15.15 -7.33
CA LEU B 92 2.03 15.32 -8.77
C LEU B 92 2.12 16.82 -9.16
N TYR B 93 1.37 17.67 -8.46
CA TYR B 93 1.40 19.11 -8.72
C TYR B 93 2.83 19.66 -8.65
N HIS B 94 3.49 19.43 -7.51
CA HIS B 94 4.87 19.83 -7.29
C HIS B 94 5.81 19.33 -8.37
N HIS B 95 5.66 18.06 -8.78
CA HIS B 95 6.51 17.54 -9.84
C HIS B 95 6.33 18.22 -11.17
N LEU B 96 5.08 18.57 -11.50
CA LEU B 96 4.72 19.14 -12.80
C LEU B 96 4.89 20.66 -12.89
N HIS B 97 4.71 21.34 -11.75
CA HIS B 97 4.55 22.79 -11.72
C HIS B 97 5.48 23.54 -10.79
N ALA B 98 6.14 22.85 -9.88
CA ALA B 98 7.00 23.49 -8.87
C ALA B 98 8.40 22.88 -8.81
N SER B 99 8.71 22.00 -9.75
CA SER B 99 10.08 21.52 -9.91
C SER B 99 10.34 21.19 -11.38
N GLU B 100 11.62 21.06 -11.72
CA GLU B 100 12.00 20.83 -13.09
C GLU B 100 12.18 19.33 -13.29
N THR B 101 11.09 18.58 -13.08
CA THR B 101 11.11 17.12 -13.20
C THR B 101 10.53 16.73 -14.55
N LYS B 102 11.30 16.93 -15.62
CA LYS B 102 10.87 16.45 -16.93
C LYS B 102 10.61 14.94 -16.79
N PHE B 103 9.38 14.53 -17.07
CA PHE B 103 8.99 13.13 -17.02
C PHE B 103 8.97 12.60 -18.46
N GLU B 104 9.41 11.36 -18.62
CA GLU B 104 9.33 10.66 -19.89
C GLU B 104 7.86 10.35 -20.21
N MET B 105 7.51 10.31 -21.48
CA MET B 105 6.12 10.06 -21.84
C MET B 105 5.60 8.76 -21.19
N LYS B 106 6.44 7.74 -21.19
CA LYS B 106 6.11 6.44 -20.60
C LYS B 106 5.71 6.55 -19.13
N LYS B 107 6.42 7.37 -18.36
CA LYS B 107 6.14 7.54 -16.94
C LYS B 107 4.88 8.39 -16.70
N LEU B 108 4.67 9.39 -17.57
CA LEU B 108 3.47 10.21 -17.56
C LEU B 108 2.23 9.34 -17.84
N ILE B 109 2.36 8.46 -18.83
CA ILE B 109 1.29 7.54 -19.18
C ILE B 109 1.00 6.57 -18.03
N ASP B 110 2.05 6.11 -17.38
CA ASP B 110 1.89 5.22 -16.24
C ASP B 110 1.15 5.93 -15.05
N ILE B 111 1.43 7.21 -14.85
CA ILE B 111 0.76 7.97 -13.79
C ILE B 111 -0.72 8.11 -14.11
N ALA B 112 -1.02 8.39 -15.37
CA ALA B 112 -2.39 8.48 -15.81
C ALA B 112 -3.11 7.16 -15.56
N ARG B 113 -2.47 6.06 -15.91
CA ARG B 113 -3.04 4.71 -15.76
C ARG B 113 -3.32 4.39 -14.31
N GLN B 114 -2.34 4.68 -13.45
CA GLN B 114 -2.50 4.45 -12.04
C GLN B 114 -3.63 5.26 -11.42
N THR B 115 -3.73 6.54 -11.80
CA THR B 115 -4.83 7.39 -11.38
C THR B 115 -6.16 6.84 -11.86
N ALA B 116 -6.18 6.38 -13.12
CA ALA B 116 -7.42 5.84 -13.69
C ALA B 116 -7.85 4.61 -12.90
N ARG B 117 -6.89 3.74 -12.60
CA ARG B 117 -7.11 2.58 -11.70
C ARG B 117 -7.72 3.00 -10.39
N GLY B 118 -7.14 4.00 -9.73
CA GLY B 118 -7.67 4.49 -8.44
C GLY B 118 -9.10 4.98 -8.58
N MET B 119 -9.34 5.80 -9.59
CA MET B 119 -10.67 6.39 -9.83
C MET B 119 -11.73 5.37 -10.24
N ASP B 120 -11.34 4.41 -11.09
CA ASP B 120 -12.20 3.28 -11.49
C ASP B 120 -12.62 2.52 -10.25
N TYR B 121 -11.67 2.28 -9.38
CA TYR B 121 -11.97 1.58 -8.16
C TYR B 121 -12.98 2.35 -7.26
N LEU B 122 -12.77 3.66 -7.06
CA LEU B 122 -13.75 4.47 -6.27
C LEU B 122 -15.14 4.49 -6.86
N HIS B 123 -15.21 4.71 -8.16
CA HIS B 123 -16.50 4.71 -8.80
C HIS B 123 -17.20 3.38 -8.74
N ALA B 124 -16.46 2.26 -8.87
CA ALA B 124 -17.09 0.93 -8.76
C ALA B 124 -17.67 0.75 -7.35
N LYS B 125 -17.04 1.35 -6.35
CA LYS B 125 -17.57 1.37 -5.01
C LYS B 125 -18.56 2.55 -4.78
N SER B 126 -18.98 3.25 -5.83
CA SER B 126 -19.96 4.36 -5.69
C SER B 126 -19.44 5.52 -4.83
N ILE B 127 -18.14 5.79 -4.88
CA ILE B 127 -17.57 6.92 -4.20
C ILE B 127 -17.15 7.97 -5.22
N ILE B 128 -17.62 9.20 -4.99
CA ILE B 128 -17.23 10.35 -5.79
C ILE B 128 -16.13 11.06 -5.03
N HIS B 129 -15.09 11.46 -5.73
CA HIS B 129 -13.98 12.09 -5.06
C HIS B 129 -14.24 13.52 -4.73
N ARG B 130 -14.78 14.25 -5.70
CA ARG B 130 -15.21 15.66 -5.55
C ARG B 130 -14.13 16.71 -5.65
N ASP B 131 -12.86 16.33 -5.51
CA ASP B 131 -11.77 17.27 -5.56
C ASP B 131 -10.51 16.67 -6.14
N LEU B 132 -10.64 15.98 -7.27
CA LEU B 132 -9.48 15.40 -7.91
C LEU B 132 -8.68 16.46 -8.64
N LYS B 133 -7.40 16.51 -8.32
CA LYS B 133 -6.48 17.46 -8.95
C LYS B 133 -5.09 16.97 -8.67
N SER B 134 -4.11 17.50 -9.40
CA SER B 134 -2.73 17.01 -9.27
C SER B 134 -2.11 17.17 -7.86
N ASN B 135 -2.59 18.16 -7.11
CA ASN B 135 -2.21 18.38 -5.70
C ASN B 135 -2.63 17.22 -4.81
N ASN B 136 -3.75 16.58 -5.16
CA ASN B 136 -4.31 15.47 -4.38
C ASN B 136 -3.81 14.10 -4.82
N ILE B 137 -2.85 14.10 -5.75
CA ILE B 137 -2.27 12.86 -6.26
C ILE B 137 -0.84 12.83 -5.77
N PHE B 138 -0.58 12.01 -4.75
CA PHE B 138 0.76 11.96 -4.17
C PHE B 138 1.58 10.90 -4.91
N LEU B 139 2.78 11.25 -5.33
CA LEU B 139 3.62 10.30 -6.00
C LEU B 139 4.55 9.66 -5.00
N HIS B 140 4.03 8.65 -4.32
CA HIS B 140 4.80 7.91 -3.34
C HIS B 140 6.04 7.37 -3.99
N GLU B 141 7.17 7.57 -3.31
CA GLU B 141 8.48 7.09 -3.78
C GLU B 141 8.80 7.62 -5.18
N ASP B 142 8.09 8.66 -5.60
CA ASP B 142 8.23 9.25 -6.94
C ASP B 142 7.72 8.34 -8.06
N ASN B 143 6.97 7.29 -7.72
CA ASN B 143 6.49 6.41 -8.78
C ASN B 143 5.08 5.79 -8.63
N THR B 144 4.57 5.74 -7.40
CA THR B 144 3.25 5.15 -7.14
C THR B 144 2.22 6.18 -6.70
N VAL B 145 1.19 6.32 -7.53
CA VAL B 145 0.08 7.24 -7.31
C VAL B 145 -0.71 6.86 -6.08
N LYS B 146 -0.94 7.86 -5.23
CA LYS B 146 -1.86 7.72 -4.11
C LYS B 146 -2.87 8.88 -4.20
N ILE B 147 -4.12 8.54 -4.45
CA ILE B 147 -5.16 9.54 -4.50
C ILE B 147 -5.62 9.82 -3.09
N GLY B 148 -5.47 11.08 -2.68
CA GLY B 148 -5.82 11.48 -1.33
C GLY B 148 -6.79 12.63 -1.31
N ASP B 149 -7.07 13.10 -0.10
CA ASP B 149 -7.79 14.34 0.15
C ASP B 149 -9.12 14.42 -0.58
N PHE B 150 -10.03 13.51 -0.24
CA PHE B 150 -11.45 13.71 -0.51
C PHE B 150 -11.79 14.93 0.36
N GLY B 151 -12.44 15.97 -0.18
CA GLY B 151 -13.06 15.97 -1.48
C GLY B 151 -14.44 16.57 -1.27
N GLY B 170 -9.19 27.35 -5.07
CA GLY B 170 -8.00 26.54 -5.31
C GLY B 170 -8.21 25.46 -6.36
N SER B 171 -9.46 24.99 -6.47
CA SER B 171 -9.79 23.82 -7.29
C SER B 171 -10.46 24.17 -8.62
N ILE B 172 -10.53 25.48 -8.89
CA ILE B 172 -11.22 26.04 -10.05
C ILE B 172 -10.90 25.37 -11.40
N LEU B 173 -9.61 25.18 -11.69
CA LEU B 173 -9.14 24.67 -12.99
C LEU B 173 -9.58 23.25 -13.31
N TRP B 174 -9.89 22.48 -12.26
CA TRP B 174 -10.33 21.09 -12.39
C TRP B 174 -11.81 20.94 -12.36
N MET B 175 -12.53 22.06 -12.19
CA MET B 175 -13.98 22.01 -12.04
C MET B 175 -14.70 21.96 -13.37
N ALA B 176 -15.60 20.99 -13.49
CA ALA B 176 -16.42 20.84 -14.68
C ALA B 176 -17.34 22.05 -14.85
N PRO B 177 -17.77 22.34 -16.10
CA PRO B 177 -18.65 23.50 -16.34
C PRO B 177 -19.83 23.52 -15.36
N GLU B 178 -20.52 22.38 -15.20
CA GLU B 178 -21.67 22.31 -14.30
C GLU B 178 -21.29 22.60 -12.85
N VAL B 179 -20.08 22.26 -12.45
CA VAL B 179 -19.66 22.51 -11.07
C VAL B 179 -19.20 23.97 -10.91
N ILE B 180 -18.53 24.47 -11.94
CA ILE B 180 -17.86 25.76 -11.85
C ILE B 180 -18.83 26.93 -11.83
N ARG B 181 -20.09 26.68 -12.16
CA ARG B 181 -21.13 27.71 -12.11
C ARG B 181 -21.95 27.68 -10.79
N ASN B 186 -26.35 20.48 -5.63
CA ASN B 186 -25.31 19.44 -5.69
C ASN B 186 -24.89 19.09 -7.14
N PRO B 187 -23.83 19.75 -7.65
CA PRO B 187 -23.44 19.49 -9.03
C PRO B 187 -22.36 18.40 -9.20
N TYR B 188 -21.99 17.72 -8.12
CA TYR B 188 -20.99 16.65 -8.21
C TYR B 188 -21.57 15.32 -8.64
N SER B 189 -20.85 14.63 -9.52
CA SER B 189 -21.24 13.31 -9.98
C SER B 189 -19.98 12.54 -10.35
N PHE B 190 -20.15 11.31 -10.84
CA PHE B 190 -19.05 10.57 -11.44
C PHE B 190 -18.51 11.32 -12.66
N GLN B 191 -19.42 11.98 -13.37
CA GLN B 191 -19.08 12.73 -14.59
C GLN B 191 -18.16 13.93 -14.33
N SER B 192 -18.37 14.65 -13.22
CA SER B 192 -17.47 15.73 -12.86
C SER B 192 -16.13 15.24 -12.34
N ASP B 193 -16.13 14.08 -11.68
CA ASP B 193 -14.85 13.41 -11.37
C ASP B 193 -14.09 13.13 -12.64
N VAL B 194 -14.80 12.67 -13.66
CA VAL B 194 -14.20 12.37 -14.96
C VAL B 194 -13.63 13.61 -15.64
N TYR B 195 -14.38 14.71 -15.59
CA TYR B 195 -13.91 15.95 -16.18
C TYR B 195 -12.59 16.34 -15.50
N ALA B 196 -12.56 16.26 -14.19
CA ALA B 196 -11.37 16.63 -13.44
C ALA B 196 -10.15 15.75 -13.78
N PHE B 197 -10.40 14.45 -14.00
CA PHE B 197 -9.37 13.53 -14.51
C PHE B 197 -8.82 14.00 -15.85
N GLY B 198 -9.71 14.47 -16.73
CA GLY B 198 -9.34 15.06 -18.02
C GLY B 198 -8.38 16.24 -17.90
N ILE B 199 -8.53 17.03 -16.84
CA ILE B 199 -7.62 18.15 -16.62
C ILE B 199 -6.26 17.63 -16.14
N VAL B 200 -6.29 16.60 -15.28
CA VAL B 200 -5.04 15.97 -14.84
C VAL B 200 -4.30 15.39 -16.04
N LEU B 201 -5.04 14.78 -16.99
CA LEU B 201 -4.41 14.28 -18.21
C LEU B 201 -3.79 15.46 -18.95
N TYR B 202 -4.51 16.58 -18.95
CA TYR B 202 -4.01 17.80 -19.61
C TYR B 202 -2.70 18.24 -18.96
N GLU B 203 -2.69 18.27 -17.63
CA GLU B 203 -1.47 18.63 -16.93
C GLU B 203 -0.31 17.68 -17.27
N LEU B 204 -0.59 16.37 -17.24
CA LEU B 204 0.43 15.38 -17.52
C LEU B 204 1.01 15.55 -18.92
N MET B 205 0.14 15.68 -19.91
CA MET B 205 0.54 15.67 -21.30
C MET B 205 1.04 17.02 -21.83
N THR B 206 0.77 18.10 -21.10
CA THR B 206 1.28 19.44 -21.48
C THR B 206 2.42 19.87 -20.56
N GLY B 207 2.40 19.38 -19.32
CA GLY B 207 3.35 19.85 -18.32
C GLY B 207 2.96 21.20 -17.73
N GLN B 208 1.74 21.66 -18.06
CA GLN B 208 1.21 22.98 -17.68
C GLN B 208 -0.21 22.90 -17.13
N LEU B 209 -0.62 23.91 -16.38
CA LEU B 209 -2.01 24.11 -15.99
C LEU B 209 -2.80 24.68 -17.17
N PRO B 210 -4.11 24.35 -17.28
CA PRO B 210 -4.96 24.96 -18.31
C PRO B 210 -5.05 26.48 -18.15
N TYR B 211 -5.37 27.20 -19.24
CA TYR B 211 -5.62 28.65 -19.22
C TYR B 211 -4.50 29.47 -18.61
N SER B 212 -3.27 29.20 -19.05
CA SER B 212 -2.11 29.99 -18.65
C SER B 212 -2.25 31.42 -19.18
N ASN B 213 -3.12 31.56 -20.18
CA ASN B 213 -3.39 32.80 -20.89
C ASN B 213 -4.54 33.61 -20.27
N ILE B 214 -5.24 33.01 -19.30
CA ILE B 214 -6.35 33.66 -18.62
C ILE B 214 -5.97 33.76 -17.14
N ASN B 215 -5.52 34.94 -16.73
CA ASN B 215 -4.95 35.13 -15.40
C ASN B 215 -5.96 35.71 -14.39
N ASN B 216 -7.23 35.38 -14.58
CA ASN B 216 -8.33 35.97 -13.81
C ASN B 216 -9.41 34.98 -13.38
N ARG B 217 -9.48 34.70 -12.07
CA ARG B 217 -10.38 33.71 -11.51
C ARG B 217 -11.83 33.85 -12.02
N ASP B 218 -12.33 35.09 -12.05
CA ASP B 218 -13.70 35.37 -12.46
C ASP B 218 -13.94 35.10 -13.96
N GLN B 219 -12.93 35.41 -14.76
CA GLN B 219 -13.02 35.19 -16.18
C GLN B 219 -13.09 33.66 -16.49
N ILE B 220 -12.28 32.87 -15.78
CA ILE B 220 -12.29 31.43 -15.96
C ILE B 220 -13.70 30.90 -15.65
N ILE B 221 -14.21 31.29 -14.49
CA ILE B 221 -15.55 30.93 -14.02
C ILE B 221 -16.64 31.28 -15.01
N GLU B 222 -16.61 32.50 -15.54
CA GLU B 222 -17.59 32.90 -16.55
C GLU B 222 -17.42 32.08 -17.85
N MET B 223 -16.21 32.03 -18.37
CA MET B 223 -15.97 31.38 -19.66
C MET B 223 -16.12 29.86 -19.68
N VAL B 224 -15.62 29.17 -18.65
CA VAL B 224 -15.79 27.70 -18.54
C VAL B 224 -17.28 27.37 -18.26
N GLY B 225 -17.86 28.04 -17.27
CA GLY B 225 -19.29 27.94 -16.97
C GLY B 225 -20.19 28.37 -18.12
N ARG B 226 -19.86 29.48 -18.77
CA ARG B 226 -20.60 30.00 -19.94
C ARG B 226 -20.60 29.02 -21.11
N GLY B 227 -19.56 28.19 -21.20
CA GLY B 227 -19.48 27.13 -22.19
C GLY B 227 -18.55 27.40 -23.36
N SER B 228 -17.82 28.50 -23.30
CA SER B 228 -16.87 28.81 -24.35
C SER B 228 -15.50 28.12 -24.11
N LEU B 229 -14.87 28.46 -22.99
CA LEU B 229 -13.48 28.09 -22.71
C LEU B 229 -13.26 26.60 -22.48
N SER B 230 -12.26 26.04 -23.18
CA SER B 230 -11.81 24.66 -23.04
C SER B 230 -10.30 24.67 -23.08
N PRO B 231 -9.65 23.66 -22.46
CA PRO B 231 -8.19 23.66 -22.47
C PRO B 231 -7.66 23.54 -23.90
N ASP B 232 -6.50 24.14 -24.15
CA ASP B 232 -5.86 24.17 -25.46
C ASP B 232 -5.01 22.92 -25.66
N LEU B 233 -5.55 21.99 -26.44
CA LEU B 233 -4.93 20.68 -26.70
C LEU B 233 -3.73 20.75 -27.64
N SER B 234 -3.63 21.84 -28.40
CA SER B 234 -2.45 22.03 -29.23
C SER B 234 -1.19 22.20 -28.36
N LYS B 235 -1.35 22.33 -27.04
CA LYS B 235 -0.20 22.36 -26.13
C LYS B 235 0.34 20.99 -25.67
N VAL B 236 -0.29 19.88 -26.07
CA VAL B 236 0.23 18.57 -25.68
C VAL B 236 1.59 18.36 -26.35
N ARG B 237 2.51 17.71 -25.62
CA ARG B 237 3.83 17.36 -26.14
C ARG B 237 3.72 16.65 -27.49
N SER B 238 4.71 16.88 -28.35
CA SER B 238 4.71 16.30 -29.70
C SER B 238 4.48 14.79 -29.70
N ASN B 239 5.06 14.09 -28.73
CA ASN B 239 4.91 12.64 -28.64
C ASN B 239 3.80 12.13 -27.73
N CYS B 240 2.80 12.96 -27.45
CA CYS B 240 1.60 12.48 -26.76
C CYS B 240 0.82 11.67 -27.77
N PRO B 241 0.54 10.40 -27.46
CA PRO B 241 -0.18 9.58 -28.43
C PRO B 241 -1.57 10.14 -28.73
N LYS B 242 -1.92 10.20 -30.01
CA LYS B 242 -3.21 10.75 -30.43
C LYS B 242 -4.40 10.11 -29.73
N ARG B 243 -4.24 8.85 -29.36
CA ARG B 243 -5.26 8.12 -28.62
C ARG B 243 -5.47 8.73 -27.23
N MET B 244 -4.39 9.24 -26.62
CA MET B 244 -4.50 9.89 -25.34
C MET B 244 -5.23 11.21 -25.51
N LYS B 245 -4.86 11.94 -26.57
CA LYS B 245 -5.46 13.22 -26.92
C LYS B 245 -6.96 13.10 -27.14
N ARG B 246 -7.39 12.13 -27.95
CA ARG B 246 -8.81 11.85 -28.12
C ARG B 246 -9.50 11.56 -26.78
N LEU B 247 -8.83 10.78 -25.94
CA LEU B 247 -9.35 10.43 -24.63
C LEU B 247 -9.52 11.67 -23.75
N MET B 248 -8.54 12.58 -23.75
CA MET B 248 -8.62 13.86 -23.01
C MET B 248 -9.87 14.65 -23.41
N ALA B 249 -10.03 14.82 -24.73
CA ALA B 249 -11.17 15.52 -25.32
C ALA B 249 -12.51 14.92 -24.91
N GLU B 250 -12.58 13.59 -24.84
CA GLU B 250 -13.79 12.94 -24.38
C GLU B 250 -14.07 13.26 -22.90
N CYS B 251 -13.05 13.16 -22.07
CA CYS B 251 -13.18 13.46 -20.64
C CYS B 251 -13.60 14.92 -20.37
N LEU B 252 -13.17 15.82 -21.26
CA LEU B 252 -13.37 17.26 -21.12
C LEU B 252 -14.64 17.85 -21.74
N LYS B 253 -15.49 17.02 -22.35
CA LYS B 253 -16.77 17.47 -22.90
C LYS B 253 -17.57 18.31 -21.91
N LYS B 254 -18.12 19.41 -22.41
CA LYS B 254 -18.90 20.35 -21.60
C LYS B 254 -20.17 19.74 -21.03
N LYS B 255 -20.89 18.96 -21.84
CA LYS B 255 -22.08 18.28 -21.35
C LYS B 255 -21.68 17.04 -20.56
N ARG B 256 -22.12 16.97 -19.31
CA ARG B 256 -21.65 15.93 -18.39
C ARG B 256 -21.90 14.51 -18.89
N ASP B 257 -23.08 14.29 -19.46
CA ASP B 257 -23.46 12.94 -19.85
C ASP B 257 -22.89 12.49 -21.20
N GLU B 258 -21.87 13.21 -21.69
CA GLU B 258 -21.16 12.83 -22.92
C GLU B 258 -19.75 12.33 -22.59
N ARG B 259 -19.38 12.41 -21.32
CA ARG B 259 -18.04 12.01 -20.90
C ARG B 259 -18.05 10.50 -20.71
N PRO B 260 -16.94 9.80 -21.04
CA PRO B 260 -16.89 8.35 -20.84
C PRO B 260 -16.80 7.98 -19.35
N SER B 261 -17.13 6.74 -19.00
CA SER B 261 -17.04 6.31 -17.61
C SER B 261 -15.64 5.72 -17.38
N PHE B 262 -15.27 5.53 -16.12
CA PHE B 262 -13.91 5.06 -15.81
C PHE B 262 -13.50 3.66 -16.28
N PRO B 263 -14.43 2.68 -16.27
CA PRO B 263 -14.06 1.39 -16.93
C PRO B 263 -13.53 1.59 -18.36
N ARG B 264 -14.23 2.42 -19.15
CA ARG B 264 -13.77 2.75 -20.49
C ARG B 264 -12.48 3.55 -20.47
N ILE B 265 -12.36 4.49 -19.54
CA ILE B 265 -11.17 5.32 -19.49
C ILE B 265 -9.97 4.46 -19.19
N LEU B 266 -10.10 3.59 -18.19
CA LEU B 266 -8.99 2.72 -17.79
C LEU B 266 -8.54 1.78 -18.93
N ALA B 267 -9.50 1.13 -19.59
CA ALA B 267 -9.21 0.19 -20.67
C ALA B 267 -8.40 0.88 -21.77
N GLU B 268 -8.79 2.12 -22.09
CA GLU B 268 -8.12 2.90 -23.13
C GLU B 268 -6.68 3.23 -22.79
N ILE B 269 -6.45 3.56 -21.51
CA ILE B 269 -5.10 3.92 -21.07
C ILE B 269 -4.20 2.69 -21.05
N GLU B 270 -4.75 1.56 -20.63
CA GLU B 270 -3.96 0.33 -20.57
C GLU B 270 -3.53 -0.19 -21.93
N GLU B 271 -4.48 -0.32 -22.86
CA GLU B 271 -4.19 -0.67 -24.25
C GLU B 271 -3.19 0.29 -24.87
N LEU B 272 -3.58 1.55 -24.91
CA LEU B 272 -2.74 2.64 -25.39
C LEU B 272 -1.32 2.59 -24.82
N ALA B 273 -1.18 2.29 -23.53
CA ALA B 273 0.15 2.22 -22.90
C ALA B 273 0.95 1.02 -23.39
N ARG B 274 0.25 -0.06 -23.72
CA ARG B 274 0.84 -1.31 -24.20
C ARG B 274 1.32 -1.26 -25.66
N GLU B 275 0.79 -0.32 -26.45
CA GLU B 275 1.16 -0.20 -27.86
C GLU B 275 2.22 0.87 -28.14
F18 CQE C . -0.81 -12.22 3.78
C13 CQE C . -1.99 -11.85 3.23
C14 CQE C . -2.50 -10.55 3.40
C15 CQE C . -3.73 -10.20 2.81
C16 CQE C . -4.43 -11.15 2.07
F19 CQE C . -5.67 -10.78 1.48
C17 CQE C . -3.90 -12.44 1.92
C12 CQE C . -2.68 -12.79 2.50
S9 CQE C . -2.00 -14.43 2.32
O10 CQE C . -1.61 -14.86 3.74
O11 CQE C . -3.07 -15.27 1.70
N8 CQE C . -0.71 -14.38 1.36
C5 CQE C . -0.88 -14.24 0.02
C6 CQE C . 0.29 -14.43 -0.72
F7 CQE C . 1.34 -14.70 -0.06
C4 CQE C . -2.06 -13.91 -0.64
C3 CQE C . -2.02 -13.80 -2.05
C2 CQE C . -0.84 -13.99 -2.79
C1 CQE C . 0.34 -14.30 -2.12
C20 CQE C . 1.53 -14.56 -2.76
N21 CQE C . 2.05 -15.75 -2.43
C22 CQE C . 3.17 -16.12 -3.04
C25 CQE C . 3.88 -17.45 -2.75
C30 CQE C . 4.09 -18.25 -4.04
C29 CQE C . 4.73 -19.59 -3.70
C26 CQE C . 5.23 -17.18 -2.00
C27 CQE C . 5.99 -18.50 -1.77
N28 CQE C . 6.01 -19.39 -2.99
C37 CQE C . 7.31 -19.49 -3.73
C38 CQE C . 7.29 -19.63 -5.27
C39 CQE C . 7.75 -18.32 -4.64
S23 CQE C . 3.63 -15.01 -4.08
C24 CQE C . 2.24 -13.92 -3.75
C31 CQE C . 2.16 -12.70 -4.34
C36 CQE C . 2.93 -12.37 -5.48
C32 CQE C . 1.39 -11.69 -3.77
C33 CQE C . 1.36 -10.41 -4.36
N34 CQE C . 2.13 -10.16 -5.50
C35 CQE C . 2.91 -11.09 -6.08
N40 CQE C . 3.63 -10.68 -7.18
C41 CQE C . 4.56 -11.48 -7.80
O42 CQE C . 4.74 -12.68 -7.54
C43 CQE C . 5.40 -10.83 -8.94
F18 CQE D . -7.83 10.27 0.84
C13 CQE D . -7.77 9.57 1.99
C14 CQE D . -7.62 8.18 1.95
C15 CQE D . -7.56 7.45 3.14
C16 CQE D . -7.62 8.14 4.36
F19 CQE D . -7.57 7.51 5.48
C17 CQE D . -7.75 9.53 4.39
C12 CQE D . -7.83 10.24 3.20
S9 CQE D . -7.99 12.04 3.27
O10 CQE D . -9.16 12.39 2.39
O11 CQE D . -8.22 12.42 4.73
N8 CQE D . -6.66 12.74 2.84
C5 CQE D . -5.56 12.79 3.64
C6 CQE D . -4.53 13.53 3.11
F7 CQE D . -4.78 14.09 1.97
C4 CQE D . -5.39 12.14 4.85
C3 CQE D . -4.16 12.29 5.52
C2 CQE D . -3.14 13.08 5.00
C1 CQE D . -3.30 13.69 3.75
C20 CQE D . -2.34 14.52 3.26
N21 CQE D . -2.78 15.76 2.94
C22 CQE D . -1.89 16.66 2.49
C25 CQE D . -2.26 18.13 2.05
C30 CQE D . -1.02 19.03 1.85
C29 CQE D . -1.48 20.47 1.50
C26 CQE D . -3.06 18.12 0.77
C27 CQE D . -3.53 19.54 0.43
N28 CQE D . -2.42 20.54 0.35
C37 CQE D . -1.76 20.50 -1.00
C38 CQE D . -2.12 21.64 -1.95
C39 CQE D . -0.71 21.57 -1.36
S23 CQE D . -0.38 15.96 2.51
C24 CQE D . -0.99 14.41 3.14
C31 CQE D . -0.16 13.37 3.30
C36 CQE D . 1.23 13.60 3.26
C32 CQE D . -0.64 12.06 3.43
C33 CQE D . 0.28 11.02 3.56
N34 CQE D . 1.65 11.27 3.52
C35 CQE D . 2.15 12.54 3.39
N40 CQE D . 3.52 12.66 3.34
C41 CQE D . 4.17 13.81 3.01
O42 CQE D . 3.63 14.90 2.85
C43 CQE D . 5.71 13.72 2.89
#